data_8RNO
#
_entry.id   8RNO
#
_cell.length_a   76.233
_cell.length_b   76.233
_cell.length_c   185.484
_cell.angle_alpha   90.00
_cell.angle_beta   90.00
_cell.angle_gamma   90.00
#
_symmetry.space_group_name_H-M   'P 43 21 2'
#
loop_
_entity.id
_entity.type
_entity.pdbx_description
1 polymer 'Unspecific peroxygenase'
2 non-polymer 2-acetamido-2-deoxy-beta-D-glucopyranose
3 non-polymer 'PROTOPORPHYRIN IX CONTAINING FE'
4 non-polymer 3,5,5-trimethylcyclohex-2-en-1-one
5 non-polymer DI(HYDROXYETHYL)ETHER
6 non-polymer GLYCEROL
7 non-polymer 'MAGNESIUM ION'
8 non-polymer 'SULFATE ION'
9 water water
#
_entity_poly.entity_id   1
_entity_poly.type   'polypeptide(L)'
_entity_poly.pdbx_seq_one_letter_code
;AVDFSAHPWKAPGPNDSRGPCPGLNTLANHGFLPRNGRNISVPMIVKAGFEGYNVQSDILILAGKVGMLTSREADTISLE
DLKLHGTIEHDASLSREDVAIGDNLHFNEAIFTTLANSNPGADVYNISSAAQVQHDRLADSVARNPNVTNTDLTATIRSS
ESAFYLTVMSAGDPLRGEAPKKFVNVFFQEERMPIKEGWKRSTTPINLPLLGPIIDRITELSDWKPTGDNCGAIVLGPGL
;
_entity_poly.pdbx_strand_id   A,B
#
loop_
_chem_comp.id
_chem_comp.type
_chem_comp.name
_chem_comp.formula
A1H13 non-polymer 3,5,5-trimethylcyclohex-2-en-1-one 'C9 H14 O'
GOL non-polymer GLYCEROL 'C3 H8 O3'
HEM non-polymer 'PROTOPORPHYRIN IX CONTAINING FE' 'C34 H32 Fe N4 O4'
MG non-polymer 'MAGNESIUM ION' 'Mg 2'
NAG D-saccharide, beta linking 2-acetamido-2-deoxy-beta-D-glucopyranose 'C8 H15 N O6'
PEG non-polymer DI(HYDROXYETHYL)ETHER 'C4 H10 O3'
SO4 non-polymer 'SULFATE ION' 'O4 S -2'
#
# COMPACT_ATOMS: atom_id res chain seq x y z
N ALA A 1 21.86 0.78 22.13
CA ALA A 1 22.38 1.98 22.83
C ALA A 1 21.92 3.25 22.11
N VAL A 2 20.94 3.95 22.70
CA VAL A 2 20.42 5.20 22.15
C VAL A 2 20.73 6.35 23.11
N ASP A 3 21.34 7.40 22.58
CA ASP A 3 21.74 8.53 23.40
C ASP A 3 20.93 9.74 22.98
N PHE A 4 19.98 10.19 23.80
CA PHE A 4 19.12 11.31 23.43
C PHE A 4 19.88 12.64 23.40
N SER A 5 20.95 12.74 24.18
CA SER A 5 21.73 13.97 24.23
C SER A 5 22.48 14.13 22.91
N ALA A 6 22.73 13.00 22.22
CA ALA A 6 23.35 13.05 20.91
C ALA A 6 22.31 13.32 19.81
N HIS A 7 21.03 13.53 20.18
CA HIS A 7 19.96 13.76 19.22
C HIS A 7 19.27 15.07 19.58
N PRO A 8 19.97 16.21 19.44
CA PRO A 8 19.38 17.52 19.71
C PRO A 8 18.31 17.89 18.70
N TRP A 9 17.37 18.71 19.16
CA TRP A 9 16.40 19.31 18.28
C TRP A 9 17.04 20.41 17.45
N LYS A 10 16.76 20.44 16.15
CA LYS A 10 17.10 21.56 15.29
C LYS A 10 15.93 21.85 14.38
N ALA A 11 15.60 23.14 14.22
CA ALA A 11 14.57 23.59 13.32
C ALA A 11 14.86 23.10 11.91
N PRO A 12 13.84 22.64 11.13
CA PRO A 12 14.06 22.29 9.74
C PRO A 12 14.52 23.51 8.96
N GLY A 13 15.49 23.32 8.06
CA GLY A 13 15.84 24.37 7.10
C GLY A 13 14.78 24.48 5.99
N PRO A 14 14.90 25.45 5.06
CA PRO A 14 13.89 25.63 4.01
C PRO A 14 13.73 24.45 3.06
N ASN A 15 14.79 23.65 2.90
CA ASN A 15 14.82 22.54 1.96
C ASN A 15 14.78 21.18 2.67
N ASP A 16 14.67 21.16 4.00
CA ASP A 16 14.40 19.93 4.74
C ASP A 16 12.92 19.55 4.52
N SER A 17 12.69 18.35 3.96
CA SER A 17 11.35 17.87 3.67
C SER A 17 10.60 17.53 4.97
N ARG A 18 9.44 18.15 5.17
CA ARG A 18 8.61 17.86 6.31
C ARG A 18 7.20 17.56 5.79
N GLY A 19 6.45 16.76 6.55
CA GLY A 19 5.14 16.27 6.11
C GLY A 19 4.03 16.61 7.11
N PRO A 20 2.85 15.96 6.97
CA PRO A 20 1.71 16.28 7.82
C PRO A 20 1.69 15.51 9.13
N CYS A 21 2.71 14.68 9.36
CA CYS A 21 2.83 13.87 10.56
C CYS A 21 3.80 14.50 11.56
N PRO A 22 3.32 14.97 12.72
CA PRO A 22 4.21 15.45 13.77
C PRO A 22 5.12 14.36 14.35
N GLY A 23 4.68 13.10 14.29
CA GLY A 23 5.49 11.98 14.77
C GLY A 23 6.79 11.83 14.02
N LEU A 24 6.69 11.79 12.69
CA LEU A 24 7.84 11.62 11.83
C LEU A 24 8.65 12.91 11.75
N ASN A 25 7.97 14.07 11.77
CA ASN A 25 8.66 15.35 11.69
C ASN A 25 9.57 15.48 12.92
N THR A 26 9.04 15.20 14.10
CA THR A 26 9.77 15.29 15.34
C THR A 26 11.00 14.38 15.30
N LEU A 27 10.83 13.12 14.85
CA LEU A 27 11.95 12.22 14.71
C LEU A 27 13.03 12.83 13.81
N ALA A 28 12.61 13.43 12.69
CA ALA A 28 13.55 14.07 11.77
C ALA A 28 14.24 15.28 12.44
N ASN A 29 13.48 16.05 13.23
CA ASN A 29 14.04 17.25 13.85
C ASN A 29 15.04 16.89 14.95
N HIS A 30 15.10 15.61 15.32
CA HIS A 30 16.01 15.10 16.34
C HIS A 30 17.05 14.18 15.73
N GLY A 31 17.06 14.04 14.40
CA GLY A 31 18.05 13.20 13.73
C GLY A 31 17.81 11.71 13.90
N PHE A 32 16.68 11.30 14.48
CA PHE A 32 16.35 9.89 14.54
C PHE A 32 16.03 9.38 13.14
N LEU A 33 15.40 10.23 12.33
CA LEU A 33 15.33 10.07 10.89
C LEU A 33 16.24 11.13 10.30
N PRO A 34 16.67 11.01 9.03
CA PRO A 34 17.54 12.02 8.42
C PRO A 34 16.92 13.40 8.55
N ARG A 35 17.74 14.40 8.89
CA ARG A 35 17.24 15.74 9.13
C ARG A 35 16.69 16.37 7.87
N ASN A 36 17.15 15.93 6.69
CA ASN A 36 16.67 16.49 5.43
C ASN A 36 15.30 15.90 5.06
N GLY A 37 14.90 14.83 5.77
CA GLY A 37 13.60 14.20 5.64
C GLY A 37 13.41 13.49 4.29
N ARG A 38 14.51 13.03 3.68
CA ARG A 38 14.47 12.43 2.36
CA ARG A 38 14.46 12.42 2.37
C ARG A 38 15.06 11.02 2.41
N ASN A 39 14.74 10.21 1.41
CA ASN A 39 15.32 8.89 1.24
C ASN A 39 14.99 8.02 2.46
N ILE A 40 13.75 8.11 2.96
CA ILE A 40 13.34 7.41 4.17
C ILE A 40 12.60 6.13 3.82
N SER A 41 13.10 4.99 4.34
CA SER A 41 12.53 3.68 4.11
C SER A 41 11.70 3.25 5.31
N VAL A 42 10.95 2.16 5.14
CA VAL A 42 10.21 1.60 6.26
C VAL A 42 11.16 1.12 7.37
N PRO A 43 12.26 0.37 7.09
CA PRO A 43 13.20 -0.01 8.15
C PRO A 43 13.73 1.17 8.94
N MET A 44 13.96 2.31 8.27
CA MET A 44 14.42 3.51 8.94
C MET A 44 13.34 4.06 9.89
N ILE A 45 12.08 4.02 9.43
CA ILE A 45 10.97 4.47 10.27
C ILE A 45 10.82 3.55 11.48
N VAL A 46 10.96 2.24 11.26
CA VAL A 46 10.84 1.27 12.33
C VAL A 46 11.88 1.55 13.41
N LYS A 47 13.11 1.78 13.01
CA LYS A 47 14.21 1.95 13.94
C LYS A 47 14.03 3.28 14.67
N ALA A 48 13.67 4.32 13.91
CA ALA A 48 13.52 5.65 14.46
C ALA A 48 12.38 5.71 15.47
N GLY A 49 11.26 5.04 15.14
CA GLY A 49 10.11 5.01 16.03
C GLY A 49 10.40 4.23 17.31
N PHE A 50 11.17 3.14 17.21
CA PHE A 50 11.58 2.35 18.37
C PHE A 50 12.47 3.21 19.27
N GLU A 51 13.53 3.74 18.68
CA GLU A 51 14.56 4.48 19.42
C GLU A 51 13.97 5.72 20.06
N GLY A 52 13.18 6.47 19.29
CA GLY A 52 12.69 7.76 19.75
C GLY A 52 11.53 7.65 20.74
N TYR A 53 10.60 6.71 20.50
CA TYR A 53 9.29 6.72 21.15
C TYR A 53 8.96 5.38 21.83
N ASN A 54 9.71 4.33 21.51
CA ASN A 54 9.39 2.97 21.93
C ASN A 54 8.10 2.47 21.26
N VAL A 55 7.88 2.93 20.01
CA VAL A 55 6.80 2.41 19.20
C VAL A 55 7.35 1.21 18.42
N GLN A 56 6.58 0.11 18.48
CA GLN A 56 7.03 -1.16 17.96
C GLN A 56 6.82 -1.26 16.45
N SER A 57 7.40 -2.31 15.88
CA SER A 57 7.43 -2.51 14.43
C SER A 57 6.06 -2.88 13.87
N ASP A 58 5.18 -3.46 14.69
CA ASP A 58 3.88 -3.91 14.19
C ASP A 58 3.13 -2.74 13.52
N ILE A 59 2.99 -1.61 14.22
CA ILE A 59 2.21 -0.50 13.67
C ILE A 59 3.04 0.25 12.62
N LEU A 60 4.36 0.30 12.80
CA LEU A 60 5.19 1.11 11.93
C LEU A 60 5.40 0.46 10.58
N ILE A 61 5.47 -0.87 10.54
CA ILE A 61 5.52 -1.60 9.29
C ILE A 61 4.21 -1.40 8.52
N LEU A 62 3.07 -1.53 9.19
CA LEU A 62 1.77 -1.43 8.55
C LEU A 62 1.55 -0.02 8.00
N ALA A 63 1.71 1.00 8.86
CA ALA A 63 1.57 2.39 8.43
C ALA A 63 2.64 2.76 7.42
N GLY A 64 3.86 2.28 7.67
CA GLY A 64 4.99 2.63 6.85
C GLY A 64 4.80 2.24 5.38
N LYS A 65 4.33 1.01 5.14
CA LYS A 65 4.23 0.50 3.78
C LYS A 65 3.08 1.21 3.06
N VAL A 66 2.05 1.64 3.78
CA VAL A 66 0.97 2.39 3.16
C VAL A 66 1.51 3.75 2.75
N GLY A 67 2.34 4.35 3.61
CA GLY A 67 2.95 5.63 3.35
C GLY A 67 3.91 5.60 2.17
N MET A 68 4.58 4.46 1.97
CA MET A 68 5.49 4.32 0.84
C MET A 68 4.76 4.56 -0.49
N LEU A 69 3.46 4.28 -0.55
CA LEU A 69 2.70 4.41 -1.80
C LEU A 69 2.70 5.86 -2.27
N THR A 70 2.97 6.82 -1.36
CA THR A 70 2.86 8.24 -1.70
C THR A 70 4.00 8.73 -2.59
N SER A 71 5.09 7.97 -2.76
CA SER A 71 6.21 8.41 -3.58
C SER A 71 6.24 7.69 -4.91
N ARG A 72 7.17 8.12 -5.79
CA ARG A 72 7.40 7.47 -7.06
CA ARG A 72 7.40 7.47 -7.06
C ARG A 72 8.63 6.57 -6.97
N GLU A 73 9.25 6.48 -5.78
CA GLU A 73 10.45 5.69 -5.62
C GLU A 73 10.08 4.27 -5.21
N ALA A 74 11.06 3.38 -5.35
CA ALA A 74 10.89 1.96 -5.15
C ALA A 74 10.62 1.61 -3.69
N ASP A 75 11.35 2.26 -2.76
CA ASP A 75 11.31 1.83 -1.37
C ASP A 75 11.57 2.98 -0.40
N THR A 76 11.39 4.22 -0.83
CA THR A 76 11.60 5.36 0.04
C THR A 76 10.61 6.47 -0.28
N ILE A 77 10.50 7.40 0.68
CA ILE A 77 9.68 8.57 0.54
C ILE A 77 10.50 9.76 1.01
N SER A 78 10.00 10.94 0.65
CA SER A 78 10.22 12.16 1.41
CA SER A 78 10.23 12.16 1.42
C SER A 78 9.07 12.31 2.41
N LEU A 79 9.33 12.98 3.54
CA LEU A 79 8.26 13.19 4.50
C LEU A 79 7.12 14.00 3.89
N GLU A 80 7.43 14.92 2.97
CA GLU A 80 6.39 15.74 2.37
C GLU A 80 5.46 14.89 1.51
N ASP A 81 5.98 13.83 0.91
CA ASP A 81 5.16 12.96 0.09
C ASP A 81 3.90 12.53 0.82
N LEU A 82 3.98 12.41 2.16
CA LEU A 82 2.91 11.83 2.94
C LEU A 82 1.66 12.70 2.92
N LYS A 83 1.77 13.94 2.42
CA LYS A 83 0.62 14.83 2.32
C LYS A 83 -0.38 14.37 1.24
N LEU A 84 0.00 13.39 0.40
CA LEU A 84 -0.88 12.92 -0.67
C LEU A 84 -2.27 12.58 -0.11
N HIS A 85 -3.26 13.37 -0.55
CA HIS A 85 -4.61 13.25 0.00
C HIS A 85 -5.23 11.91 -0.38
N GLY A 86 -5.79 11.22 0.61
CA GLY A 86 -6.55 10.01 0.33
C GLY A 86 -5.71 8.73 0.43
N THR A 87 -4.39 8.82 0.60
CA THR A 87 -3.65 7.63 1.00
C THR A 87 -3.79 7.48 2.51
N ILE A 88 -2.99 8.23 3.29
CA ILE A 88 -3.21 8.33 4.73
C ILE A 88 -3.83 9.68 5.06
N GLU A 89 -3.23 10.76 4.55
CA GLU A 89 -3.71 12.10 4.86
C GLU A 89 -5.22 12.19 4.59
N HIS A 90 -5.92 12.83 5.52
CA HIS A 90 -7.38 12.85 5.58
C HIS A 90 -7.84 14.25 6.05
N ASP A 91 -9.12 14.55 5.81
CA ASP A 91 -9.78 15.71 6.36
C ASP A 91 -9.94 15.57 7.87
N ALA A 92 -10.24 16.69 8.52
CA ALA A 92 -10.54 16.70 9.95
C ALA A 92 -9.30 16.29 10.74
N SER A 93 -8.14 16.80 10.30
CA SER A 93 -6.90 16.70 11.05
C SER A 93 -6.98 17.56 12.31
N LEU A 94 -6.12 17.24 13.28
CA LEU A 94 -6.05 17.96 14.54
C LEU A 94 -5.31 19.27 14.39
N SER A 95 -4.45 19.43 13.36
CA SER A 95 -3.48 20.52 13.36
C SER A 95 -3.18 21.03 11.96
N ARG A 96 -3.79 20.43 10.93
CA ARG A 96 -3.70 20.85 9.54
C ARG A 96 -5.10 21.11 9.00
N GLU A 97 -5.16 21.80 7.86
CA GLU A 97 -6.44 22.14 7.23
C GLU A 97 -6.79 21.06 6.22
N ASP A 98 -8.08 20.96 5.87
CA ASP A 98 -8.53 20.07 4.83
C ASP A 98 -8.01 20.60 3.49
N VAL A 99 -7.49 19.69 2.66
CA VAL A 99 -6.79 20.03 1.45
C VAL A 99 -7.69 20.80 0.48
N ALA A 100 -9.01 20.52 0.46
CA ALA A 100 -9.92 21.20 -0.47
C ALA A 100 -10.06 22.68 -0.14
N ILE A 101 -9.85 23.08 1.12
CA ILE A 101 -10.09 24.45 1.55
C ILE A 101 -8.87 25.05 2.26
N GLY A 102 -7.67 24.47 2.10
CA GLY A 102 -6.49 25.00 2.75
C GLY A 102 -5.28 24.09 2.67
N ASP A 103 -4.29 24.40 3.50
CA ASP A 103 -2.99 23.74 3.55
C ASP A 103 -3.07 22.47 4.42
N ASN A 104 -2.89 21.29 3.80
CA ASN A 104 -3.05 20.03 4.50
C ASN A 104 -1.70 19.50 4.99
N LEU A 105 -0.68 20.36 4.95
CA LEU A 105 0.70 19.93 5.13
C LEU A 105 1.25 20.47 6.43
N HIS A 106 1.10 21.79 6.65
CA HIS A 106 1.82 22.48 7.72
C HIS A 106 0.96 22.62 8.96
N PHE A 107 1.63 22.67 10.12
CA PHE A 107 0.99 22.99 11.39
C PHE A 107 0.26 24.33 11.25
N ASN A 108 -0.96 24.39 11.82
CA ASN A 108 -1.80 25.57 11.81
C ASN A 108 -2.37 25.81 13.21
N GLU A 109 -2.02 26.95 13.81
CA GLU A 109 -2.34 27.22 15.20
C GLU A 109 -3.85 27.34 15.37
N ALA A 110 -4.52 27.97 14.39
CA ALA A 110 -5.96 28.18 14.49
C ALA A 110 -6.70 26.84 14.56
N ILE A 111 -6.30 25.89 13.70
CA ILE A 111 -6.87 24.55 13.72
C ILE A 111 -6.61 23.90 15.08
N PHE A 112 -5.36 24.03 15.54
CA PHE A 112 -4.88 23.35 16.74
C PHE A 112 -5.60 23.85 18.01
N THR A 113 -6.25 25.03 17.96
CA THR A 113 -6.88 25.57 19.16
C THR A 113 -7.96 24.65 19.74
N THR A 114 -8.67 23.88 18.90
CA THR A 114 -9.66 22.94 19.39
C THR A 114 -9.00 21.94 20.35
N LEU A 115 -7.89 21.32 19.93
CA LEU A 115 -7.15 20.41 20.77
C LEU A 115 -6.52 21.13 21.97
N ALA A 116 -5.83 22.25 21.74
CA ALA A 116 -5.18 22.98 22.82
C ALA A 116 -6.16 23.37 23.93
N ASN A 117 -7.43 23.61 23.59
CA ASN A 117 -8.44 24.01 24.56
C ASN A 117 -9.21 22.82 25.14
N SER A 118 -8.95 21.60 24.66
CA SER A 118 -9.68 20.43 25.14
C SER A 118 -9.31 20.11 26.59
N ASN A 119 -10.19 19.35 27.23
CA ASN A 119 -10.06 18.90 28.61
C ASN A 119 -9.83 20.07 29.56
N PRO A 120 -10.74 21.07 29.57
CA PRO A 120 -10.56 22.24 30.44
C PRO A 120 -10.49 21.82 31.90
N GLY A 121 -9.56 22.40 32.67
CA GLY A 121 -9.49 22.15 34.10
C GLY A 121 -8.45 21.10 34.51
N ALA A 122 -7.92 20.35 33.54
CA ALA A 122 -6.88 19.37 33.83
C ALA A 122 -5.59 19.80 33.16
N ASP A 123 -4.46 19.24 33.61
CA ASP A 123 -3.18 19.50 32.99
C ASP A 123 -2.82 18.38 32.00
N VAL A 124 -3.79 17.51 31.66
CA VAL A 124 -3.55 16.40 30.72
C VAL A 124 -4.66 16.38 29.65
N TYR A 125 -4.33 15.83 28.49
CA TYR A 125 -5.33 15.35 27.55
C TYR A 125 -5.54 13.86 27.78
N ASN A 126 -6.74 13.38 27.51
CA ASN A 126 -7.05 11.99 27.80
C ASN A 126 -8.02 11.47 26.74
N ILE A 127 -8.52 10.25 26.94
CA ILE A 127 -9.32 9.59 25.93
C ILE A 127 -10.59 10.40 25.66
N SER A 128 -11.27 10.87 26.71
CA SER A 128 -12.54 11.55 26.53
CA SER A 128 -12.53 11.57 26.58
C SER A 128 -12.33 12.88 25.83
N SER A 129 -11.23 13.58 26.17
CA SER A 129 -10.94 14.86 25.56
C SER A 129 -10.60 14.63 24.09
N ALA A 130 -9.78 13.61 23.81
CA ALA A 130 -9.39 13.33 22.43
C ALA A 130 -10.62 13.03 21.57
N ALA A 131 -11.61 12.35 22.17
CA ALA A 131 -12.81 11.96 21.45
C ALA A 131 -13.64 13.20 21.13
N GLN A 132 -13.80 14.10 22.12
CA GLN A 132 -14.52 15.35 21.93
C GLN A 132 -13.86 16.16 20.82
N VAL A 133 -12.53 16.22 20.82
CA VAL A 133 -11.83 16.98 19.80
C VAL A 133 -12.12 16.39 18.42
N GLN A 134 -12.04 15.06 18.29
CA GLN A 134 -12.32 14.43 17.00
C GLN A 134 -13.74 14.75 16.54
N HIS A 135 -14.71 14.68 17.46
CA HIS A 135 -16.09 14.99 17.12
C HIS A 135 -16.18 16.42 16.56
N ASP A 136 -15.50 17.37 17.24
CA ASP A 136 -15.58 18.77 16.89
C ASP A 136 -14.86 19.04 15.56
N ARG A 137 -13.72 18.40 15.35
CA ARG A 137 -12.94 18.59 14.12
C ARG A 137 -13.74 18.08 12.91
N LEU A 138 -14.41 16.94 13.05
CA LEU A 138 -15.18 16.39 11.96
C LEU A 138 -16.38 17.29 11.65
N ALA A 139 -17.05 17.79 12.69
CA ALA A 139 -18.16 18.71 12.47
C ALA A 139 -17.68 19.95 11.71
N ASP A 140 -16.45 20.41 12.00
CA ASP A 140 -15.88 21.56 11.30
C ASP A 140 -15.73 21.29 9.81
N SER A 141 -15.13 20.15 9.45
CA SER A 141 -14.99 19.77 8.06
C SER A 141 -16.36 19.59 7.38
N VAL A 142 -17.33 19.02 8.11
CA VAL A 142 -18.64 18.83 7.52
C VAL A 142 -19.27 20.21 7.29
N ALA A 143 -19.02 21.16 8.20
CA ALA A 143 -19.61 22.47 8.06
C ALA A 143 -18.96 23.23 6.90
N ARG A 144 -17.63 23.19 6.75
CA ARG A 144 -16.94 24.19 5.94
C ARG A 144 -16.29 23.60 4.69
N ASN A 145 -16.32 22.28 4.51
CA ASN A 145 -15.58 21.67 3.41
C ASN A 145 -16.55 20.92 2.50
N PRO A 146 -16.86 21.44 1.28
CA PRO A 146 -17.83 20.79 0.40
C PRO A 146 -17.36 19.46 -0.16
N ASN A 147 -16.08 19.14 0.06
CA ASN A 147 -15.46 17.93 -0.49
C ASN A 147 -15.08 16.99 0.65
N VAL A 148 -15.61 17.22 1.86
CA VAL A 148 -15.26 16.42 3.02
C VAL A 148 -15.37 14.93 2.70
N THR A 149 -14.33 14.18 3.09
CA THR A 149 -14.38 12.73 3.11
C THR A 149 -14.25 12.24 4.55
N ASN A 150 -15.17 11.36 4.92
CA ASN A 150 -15.31 10.81 6.26
C ASN A 150 -15.80 9.38 6.12
N THR A 151 -14.88 8.42 6.33
CA THR A 151 -15.16 7.00 6.19
C THR A 151 -14.79 6.27 7.48
N ASP A 152 -15.18 5.01 7.58
CA ASP A 152 -14.70 4.13 8.64
CA ASP A 152 -14.72 4.22 8.71
C ASP A 152 -13.18 4.23 8.72
N LEU A 153 -12.57 4.22 7.55
CA LEU A 153 -11.12 4.19 7.47
C LEU A 153 -10.53 5.49 8.01
N THR A 154 -11.02 6.66 7.56
CA THR A 154 -10.47 7.92 8.04
C THR A 154 -10.75 8.08 9.53
N ALA A 155 -11.92 7.65 10.00
CA ALA A 155 -12.26 7.74 11.40
C ALA A 155 -11.29 6.93 12.26
N THR A 156 -10.90 5.74 11.78
CA THR A 156 -10.02 4.85 12.50
C THR A 156 -8.59 5.40 12.50
N ILE A 157 -8.15 5.90 11.34
CA ILE A 157 -6.84 6.55 11.25
C ILE A 157 -6.81 7.73 12.22
N ARG A 158 -7.88 8.52 12.27
CA ARG A 158 -7.90 9.69 13.12
C ARG A 158 -7.76 9.27 14.58
N SER A 159 -8.51 8.24 15.00
CA SER A 159 -8.42 7.71 16.34
C SER A 159 -7.03 7.15 16.64
N SER A 160 -6.38 6.55 15.64
CA SER A 160 -5.03 6.04 15.83
C SER A 160 -4.06 7.17 16.16
N GLU A 161 -4.19 8.27 15.41
CA GLU A 161 -3.33 9.44 15.57
C GLU A 161 -3.53 10.03 16.95
N SER A 162 -4.77 10.10 17.42
CA SER A 162 -5.05 10.62 18.74
C SER A 162 -4.41 9.72 19.79
N ALA A 163 -4.52 8.39 19.60
CA ALA A 163 -3.93 7.43 20.52
C ALA A 163 -2.42 7.62 20.57
N PHE A 164 -1.83 7.96 19.42
CA PHE A 164 -0.39 8.18 19.35
C PHE A 164 0.03 9.34 20.24
N TYR A 165 -0.66 10.49 20.15
CA TYR A 165 -0.19 11.63 20.91
C TYR A 165 -0.45 11.40 22.40
N LEU A 166 -1.50 10.66 22.75
CA LEU A 166 -1.77 10.31 24.15
C LEU A 166 -0.71 9.37 24.72
N THR A 167 -0.11 8.50 23.88
CA THR A 167 0.76 7.45 24.36
C THR A 167 2.24 7.85 24.28
N VAL A 168 2.62 8.46 23.17
CA VAL A 168 4.02 8.71 22.87
C VAL A 168 4.50 9.90 23.71
N MET A 169 3.59 10.83 23.99
CA MET A 169 3.90 12.02 24.76
C MET A 169 3.44 11.86 26.21
N SER A 170 3.21 10.62 26.66
CA SER A 170 2.78 10.37 28.02
C SER A 170 3.93 10.61 29.01
N ALA A 171 3.57 10.84 30.28
CA ALA A 171 4.51 10.89 31.39
C ALA A 171 4.49 9.55 32.11
N GLY A 172 3.28 9.07 32.43
CA GLY A 172 3.10 7.77 33.07
C GLY A 172 3.08 6.62 32.06
N ASP A 173 2.45 5.52 32.46
CA ASP A 173 2.35 4.37 31.59
C ASP A 173 1.47 4.80 30.40
N PRO A 174 1.92 4.61 29.13
CA PRO A 174 1.08 4.94 27.98
C PRO A 174 -0.29 4.25 27.98
N LEU A 175 -0.41 3.12 28.68
CA LEU A 175 -1.67 2.39 28.87
C LEU A 175 -2.80 3.29 29.36
N ARG A 176 -2.47 4.27 30.21
CA ARG A 176 -3.47 5.10 30.87
C ARG A 176 -4.19 6.02 29.88
N GLY A 177 -3.59 6.24 28.70
CA GLY A 177 -4.20 7.06 27.66
C GLY A 177 -4.39 8.52 28.07
N GLU A 178 -3.34 9.09 28.69
CA GLU A 178 -3.32 10.49 29.05
C GLU A 178 -1.90 11.02 28.96
N ALA A 179 -1.78 12.26 28.47
CA ALA A 179 -0.50 12.93 28.28
C ALA A 179 -0.60 14.37 28.76
N PRO A 180 0.45 14.88 29.46
CA PRO A 180 0.53 16.29 29.82
C PRO A 180 0.30 17.20 28.63
N LYS A 181 -0.53 18.22 28.81
CA LYS A 181 -0.72 19.22 27.77
C LYS A 181 0.60 19.85 27.38
N LYS A 182 1.51 20.07 28.33
CA LYS A 182 2.77 20.76 28.02
C LYS A 182 3.56 19.92 27.02
N PHE A 183 3.52 18.59 27.16
CA PHE A 183 4.26 17.72 26.25
C PHE A 183 3.60 17.72 24.85
N VAL A 184 2.29 17.48 24.81
CA VAL A 184 1.58 17.33 23.54
C VAL A 184 1.65 18.61 22.72
N ASN A 185 1.51 19.75 23.38
CA ASN A 185 1.55 21.06 22.73
C ASN A 185 2.90 21.32 22.07
N VAL A 186 4.00 21.00 22.74
CA VAL A 186 5.33 21.19 22.17
C VAL A 186 5.50 20.25 20.97
N PHE A 187 5.02 19.02 21.14
CA PHE A 187 5.07 18.01 20.09
C PHE A 187 4.42 18.52 18.80
N PHE A 188 3.20 19.06 18.91
CA PHE A 188 2.51 19.58 17.74
C PHE A 188 3.11 20.91 17.31
N GLN A 189 3.30 21.84 18.25
CA GLN A 189 3.59 23.22 17.90
C GLN A 189 5.02 23.34 17.36
N GLU A 190 5.95 22.59 17.93
CA GLU A 190 7.36 22.76 17.59
C GLU A 190 7.91 21.49 16.95
N GLU A 191 7.15 20.39 17.02
CA GLU A 191 7.60 19.12 16.48
C GLU A 191 8.97 18.82 17.11
N ARG A 192 8.94 18.83 18.43
CA ARG A 192 10.11 18.68 19.29
C ARG A 192 9.73 17.75 20.45
N MET A 193 10.66 16.86 20.80
CA MET A 193 10.54 16.05 21.99
C MET A 193 10.73 16.95 23.20
N PRO A 194 9.73 17.10 24.08
CA PRO A 194 9.84 18.05 25.19
C PRO A 194 10.73 17.59 26.36
N ILE A 195 12.03 17.39 26.06
CA ILE A 195 12.99 16.84 27.01
C ILE A 195 13.22 17.81 28.16
N LYS A 196 13.51 19.06 27.80
CA LYS A 196 13.58 20.20 28.70
C LYS A 196 12.42 20.19 29.70
N GLU A 197 11.20 19.92 29.22
CA GLU A 197 9.99 20.08 30.03
C GLU A 197 9.76 18.85 30.90
N GLY A 198 10.56 17.77 30.72
CA GLY A 198 10.50 16.62 31.60
C GLY A 198 10.09 15.31 30.92
N TRP A 199 9.88 15.34 29.60
CA TRP A 199 9.42 14.15 28.88
C TRP A 199 10.57 13.18 28.70
N LYS A 200 10.27 11.88 28.86
CA LYS A 200 11.19 10.80 28.58
C LYS A 200 10.47 9.75 27.72
N ARG A 201 11.19 9.14 26.78
CA ARG A 201 10.71 7.99 26.03
C ARG A 201 10.01 7.00 26.95
N SER A 202 8.84 6.50 26.53
CA SER A 202 8.14 5.47 27.26
C SER A 202 9.08 4.28 27.47
N THR A 203 9.04 3.70 28.68
CA THR A 203 9.74 2.45 28.93
C THR A 203 8.81 1.28 28.65
N THR A 204 7.53 1.56 28.39
CA THR A 204 6.58 0.53 27.98
C THR A 204 6.47 0.54 26.46
N PRO A 205 6.61 -0.63 25.79
CA PRO A 205 6.43 -0.70 24.34
C PRO A 205 5.03 -0.26 23.91
N ILE A 206 4.97 0.61 22.90
CA ILE A 206 3.71 1.04 22.32
C ILE A 206 3.50 0.28 21.01
N ASN A 207 2.51 -0.62 21.03
CA ASN A 207 2.27 -1.55 19.94
C ASN A 207 0.75 -1.62 19.72
N LEU A 208 0.31 -2.45 18.75
CA LEU A 208 -1.11 -2.53 18.42
C LEU A 208 -1.93 -3.08 19.58
N PRO A 209 -1.51 -4.15 20.28
CA PRO A 209 -2.23 -4.56 21.49
C PRO A 209 -2.52 -3.42 22.48
N LEU A 210 -1.53 -2.54 22.70
CA LEU A 210 -1.70 -1.44 23.64
C LEU A 210 -2.62 -0.37 23.05
N LEU A 211 -2.42 -0.02 21.77
CA LEU A 211 -3.14 1.08 21.14
C LEU A 211 -4.59 0.71 20.84
N GLY A 212 -4.84 -0.56 20.47
CA GLY A 212 -6.15 -0.99 19.95
C GLY A 212 -7.34 -0.56 20.81
N PRO A 213 -7.36 -0.91 22.11
CA PRO A 213 -8.47 -0.51 22.98
C PRO A 213 -8.58 0.99 23.24
N ILE A 214 -7.47 1.73 23.14
CA ILE A 214 -7.51 3.17 23.27
C ILE A 214 -8.20 3.75 22.04
N ILE A 215 -7.78 3.28 20.86
CA ILE A 215 -8.36 3.69 19.58
C ILE A 215 -9.88 3.48 19.58
N ASP A 216 -10.33 2.29 20.01
CA ASP A 216 -11.74 1.94 19.90
C ASP A 216 -12.56 2.77 20.87
N ARG A 217 -11.99 3.02 22.06
CA ARG A 217 -12.63 3.84 23.06
C ARG A 217 -12.76 5.29 22.61
N ILE A 218 -11.72 5.86 21.97
CA ILE A 218 -11.79 7.21 21.43
C ILE A 218 -12.90 7.24 20.38
N THR A 219 -12.91 6.25 19.49
CA THR A 219 -13.96 6.18 18.49
C THR A 219 -15.32 6.17 19.17
N GLU A 220 -15.52 5.26 20.14
CA GLU A 220 -16.80 5.08 20.79
C GLU A 220 -17.28 6.37 21.44
N LEU A 221 -16.41 7.09 22.17
CA LEU A 221 -16.81 8.30 22.88
C LEU A 221 -17.06 9.45 21.91
N SER A 222 -16.53 9.38 20.69
CA SER A 222 -16.56 10.47 19.72
C SER A 222 -17.91 10.62 19.02
N ASP A 223 -18.84 9.66 19.24
CA ASP A 223 -20.17 9.71 18.68
C ASP A 223 -20.06 9.86 17.16
N TRP A 224 -19.20 9.01 16.56
CA TRP A 224 -18.94 9.02 15.13
C TRP A 224 -20.06 8.29 14.40
N LYS A 225 -20.48 8.82 13.25
CA LYS A 225 -21.46 8.15 12.41
C LYS A 225 -21.04 8.31 10.95
N PRO A 226 -21.33 7.33 10.06
CA PRO A 226 -21.09 7.53 8.62
C PRO A 226 -22.01 8.63 8.09
N THR A 227 -21.58 9.28 7.01
CA THR A 227 -22.19 10.52 6.56
C THR A 227 -22.43 10.47 5.05
N GLY A 228 -21.92 9.46 4.37
CA GLY A 228 -21.92 9.42 2.91
C GLY A 228 -21.30 8.10 2.41
N ASP A 229 -20.39 8.21 1.43
CA ASP A 229 -19.92 7.08 0.63
C ASP A 229 -19.48 5.92 1.52
N ASN A 230 -18.57 6.23 2.45
CA ASN A 230 -18.06 5.28 3.43
C ASN A 230 -17.24 4.16 2.78
N CYS A 231 -16.78 4.34 1.54
CA CYS A 231 -15.89 3.39 0.90
C CYS A 231 -14.47 3.72 1.34
N GLY A 232 -13.82 2.77 2.03
CA GLY A 232 -12.50 2.98 2.58
C GLY A 232 -11.39 2.66 1.57
N ALA A 233 -11.51 3.23 0.36
CA ALA A 233 -10.53 3.03 -0.70
C ALA A 233 -9.40 4.03 -0.51
N ILE A 234 -8.16 3.57 -0.61
CA ILE A 234 -7.04 4.48 -0.51
C ILE A 234 -6.49 4.77 -1.92
N VAL A 235 -5.88 5.95 -2.06
CA VAL A 235 -5.12 6.32 -3.26
C VAL A 235 -3.83 5.50 -3.26
N LEU A 236 -3.56 4.80 -4.37
CA LEU A 236 -2.57 3.74 -4.41
C LEU A 236 -1.19 4.25 -4.84
N GLY A 237 -1.12 5.48 -5.33
CA GLY A 237 0.12 6.04 -5.83
C GLY A 237 -0.09 7.46 -6.32
N PRO A 238 0.98 8.26 -6.50
CA PRO A 238 0.79 9.67 -6.86
C PRO A 238 0.43 9.81 -8.33
N GLY A 239 -0.15 10.97 -8.68
CA GLY A 239 -0.40 11.35 -10.06
C GLY A 239 -1.30 10.37 -10.79
N LEU A 240 -2.28 9.81 -10.07
CA LEU A 240 -3.29 8.95 -10.66
C LEU A 240 -4.57 9.78 -10.81
N ALA B 1 25.01 -7.74 -22.52
CA ALA B 1 24.27 -7.18 -21.37
C ALA B 1 23.98 -8.30 -20.36
N VAL B 2 22.87 -9.04 -20.56
CA VAL B 2 22.35 -10.03 -19.63
C VAL B 2 22.26 -11.38 -20.34
N ASP B 3 22.73 -12.45 -19.68
CA ASP B 3 22.79 -13.78 -20.27
C ASP B 3 21.68 -14.69 -19.69
N PHE B 4 20.77 -15.09 -20.58
CA PHE B 4 19.66 -15.98 -20.24
C PHE B 4 20.14 -17.42 -20.12
N SER B 5 21.27 -17.79 -20.74
CA SER B 5 21.88 -19.10 -20.53
C SER B 5 22.35 -19.23 -19.08
N ALA B 6 22.70 -18.09 -18.47
CA ALA B 6 23.07 -18.05 -17.06
C ALA B 6 21.84 -18.04 -16.14
N HIS B 7 20.62 -18.05 -16.72
CA HIS B 7 19.38 -18.02 -15.95
C HIS B 7 18.52 -19.21 -16.35
N PRO B 8 18.96 -20.44 -16.02
CA PRO B 8 18.20 -21.64 -16.37
C PRO B 8 16.91 -21.78 -15.60
N TRP B 9 15.90 -22.38 -16.23
CA TRP B 9 14.67 -22.74 -15.55
C TRP B 9 14.93 -23.94 -14.65
N LYS B 10 14.42 -23.90 -13.41
CA LYS B 10 14.36 -25.06 -12.55
C LYS B 10 13.01 -25.09 -11.84
N ALA B 11 12.42 -26.29 -11.75
CA ALA B 11 11.15 -26.50 -11.06
C ALA B 11 11.28 -26.03 -9.61
N PRO B 12 10.26 -25.38 -9.02
CA PRO B 12 10.31 -25.00 -7.61
C PRO B 12 10.39 -26.26 -6.74
N GLY B 13 11.25 -26.20 -5.72
CA GLY B 13 11.31 -27.26 -4.72
C GLY B 13 10.18 -27.12 -3.71
N PRO B 14 10.12 -28.02 -2.69
CA PRO B 14 8.98 -28.07 -1.77
C PRO B 14 8.83 -26.83 -0.89
N ASN B 15 9.96 -26.16 -0.62
CA ASN B 15 10.01 -25.04 0.30
C ASN B 15 10.25 -23.72 -0.44
N ASP B 16 10.28 -23.76 -1.77
CA ASP B 16 10.33 -22.55 -2.58
C ASP B 16 8.96 -21.87 -2.57
N SER B 17 8.91 -20.61 -2.10
CA SER B 17 7.67 -19.85 -2.03
C SER B 17 7.23 -19.43 -3.43
N ARG B 18 6.01 -19.82 -3.82
CA ARG B 18 5.44 -19.40 -5.08
C ARG B 18 4.06 -18.79 -4.78
N GLY B 19 3.64 -17.86 -5.63
CA GLY B 19 2.42 -17.10 -5.41
C GLY B 19 1.43 -17.24 -6.57
N PRO B 20 0.41 -16.36 -6.64
CA PRO B 20 -0.59 -16.43 -7.69
C PRO B 20 -0.18 -15.75 -8.99
N CYS B 21 1.04 -15.20 -9.03
CA CYS B 21 1.48 -14.43 -10.18
C CYS B 21 2.44 -15.24 -11.04
N PRO B 22 2.07 -15.61 -12.27
CA PRO B 22 3.01 -16.30 -13.17
C PRO B 22 4.20 -15.44 -13.58
N GLY B 23 4.03 -14.12 -13.57
CA GLY B 23 5.13 -13.22 -13.92
C GLY B 23 6.31 -13.32 -12.95
N LEU B 24 6.01 -13.22 -11.66
CA LEU B 24 7.03 -13.25 -10.64
C LEU B 24 7.50 -14.69 -10.40
N ASN B 25 6.60 -15.67 -10.53
CA ASN B 25 6.96 -17.07 -10.33
C ASN B 25 8.00 -17.48 -11.39
N THR B 26 7.73 -17.12 -12.64
CA THR B 26 8.63 -17.42 -13.75
C THR B 26 9.99 -16.81 -13.49
N LEU B 27 10.03 -15.52 -13.09
CA LEU B 27 11.30 -14.87 -12.79
C LEU B 27 12.05 -15.66 -11.72
N ALA B 28 11.33 -16.13 -10.68
CA ALA B 28 11.95 -16.89 -9.61
C ALA B 28 12.47 -18.24 -10.13
N ASN B 29 11.70 -18.88 -11.03
CA ASN B 29 12.08 -20.17 -11.56
C ASN B 29 13.31 -20.06 -12.47
N HIS B 30 13.69 -18.82 -12.83
CA HIS B 30 14.84 -18.56 -13.68
C HIS B 30 15.95 -17.85 -12.91
N GLY B 31 15.77 -17.66 -11.60
CA GLY B 31 16.78 -17.03 -10.76
C GLY B 31 16.93 -15.53 -10.98
N PHE B 32 16.02 -14.91 -11.73
CA PHE B 32 16.02 -13.46 -11.87
C PHE B 32 15.59 -12.85 -10.53
N LEU B 33 14.64 -13.51 -9.87
CA LEU B 33 14.36 -13.31 -8.46
C LEU B 33 14.89 -14.54 -7.72
N PRO B 34 15.13 -14.47 -6.39
CA PRO B 34 15.62 -15.62 -5.64
C PRO B 34 14.73 -16.84 -5.89
N ARG B 35 15.37 -17.99 -6.11
CA ARG B 35 14.68 -19.23 -6.43
C ARG B 35 13.81 -19.69 -5.27
N ASN B 36 14.15 -19.28 -4.04
CA ASN B 36 13.36 -19.70 -2.88
C ASN B 36 12.11 -18.82 -2.74
N GLY B 37 12.07 -17.72 -3.50
CA GLY B 37 10.90 -16.84 -3.58
C GLY B 37 10.65 -16.05 -2.30
N ARG B 38 11.70 -15.80 -1.51
CA ARG B 38 11.56 -15.16 -0.21
CA ARG B 38 11.55 -15.15 -0.21
C ARG B 38 12.44 -13.91 -0.14
N ASN B 39 12.09 -13.01 0.77
CA ASN B 39 12.90 -11.82 1.01
C ASN B 39 13.09 -11.05 -0.29
N ILE B 40 11.97 -10.84 -0.99
CA ILE B 40 11.94 -10.12 -2.26
C ILE B 40 11.45 -8.70 -2.04
N SER B 41 12.29 -7.73 -2.43
CA SER B 41 11.99 -6.31 -2.29
C SER B 41 11.47 -5.73 -3.60
N VAL B 42 10.97 -4.50 -3.57
CA VAL B 42 10.52 -3.85 -4.78
C VAL B 42 11.71 -3.60 -5.71
N PRO B 43 12.87 -3.06 -5.25
CA PRO B 43 14.04 -2.94 -6.12
C PRO B 43 14.43 -4.24 -6.84
N MET B 44 14.32 -5.37 -6.14
CA MET B 44 14.61 -6.67 -6.75
C MET B 44 13.59 -7.00 -7.84
N ILE B 45 12.31 -6.69 -7.61
CA ILE B 45 11.28 -6.90 -8.61
C ILE B 45 11.53 -6.00 -9.83
N VAL B 46 11.94 -4.75 -9.58
CA VAL B 46 12.20 -3.82 -10.66
C VAL B 46 13.31 -4.36 -11.57
N LYS B 47 14.40 -4.82 -10.94
CA LYS B 47 15.57 -5.25 -11.67
C LYS B 47 15.24 -6.53 -12.43
N ALA B 48 14.55 -7.45 -11.73
CA ALA B 48 14.20 -8.73 -12.29
C ALA B 48 13.25 -8.58 -13.47
N GLY B 49 12.26 -7.68 -13.34
CA GLY B 49 11.30 -7.46 -14.40
C GLY B 49 11.94 -6.83 -15.64
N PHE B 50 12.91 -5.92 -15.42
CA PHE B 50 13.65 -5.30 -16.50
C PHE B 50 14.46 -6.35 -17.23
N GLU B 51 15.30 -7.07 -16.47
CA GLU B 51 16.23 -8.04 -17.03
C GLU B 51 15.47 -9.15 -17.75
N GLY B 52 14.43 -9.69 -17.11
CA GLY B 52 13.73 -10.83 -17.66
C GLY B 52 12.82 -10.51 -18.84
N TYR B 53 12.09 -9.39 -18.76
CA TYR B 53 10.94 -9.14 -19.63
C TYR B 53 11.00 -7.79 -20.34
N ASN B 54 11.93 -6.92 -19.91
CA ASN B 54 12.00 -5.53 -20.36
C ASN B 54 10.76 -4.75 -19.89
N VAL B 55 10.22 -5.12 -18.72
CA VAL B 55 9.15 -4.37 -18.09
C VAL B 55 9.78 -3.29 -17.22
N GLN B 56 9.30 -2.05 -17.39
CA GLN B 56 9.95 -0.89 -16.82
C GLN B 56 9.51 -0.66 -15.38
N SER B 57 10.21 0.28 -14.71
CA SER B 57 10.07 0.51 -13.29
C SER B 57 8.76 1.20 -12.95
N ASP B 58 8.15 1.91 -13.91
CA ASP B 58 6.93 2.67 -13.64
C ASP B 58 5.86 1.73 -13.09
N ILE B 59 5.57 0.63 -13.79
CA ILE B 59 4.51 -0.26 -13.36
C ILE B 59 4.98 -1.11 -12.19
N LEU B 60 6.27 -1.46 -12.16
CA LEU B 60 6.74 -2.42 -11.16
C LEU B 60 6.86 -1.76 -9.79
N ILE B 61 7.21 -0.47 -9.74
CA ILE B 61 7.21 0.27 -8.48
C ILE B 61 5.80 0.39 -7.93
N LEU B 62 4.85 0.75 -8.79
CA LEU B 62 3.47 0.95 -8.38
C LEU B 62 2.86 -0.36 -7.87
N ALA B 63 2.96 -1.43 -8.67
CA ALA B 63 2.39 -2.71 -8.28
C ALA B 63 3.22 -3.31 -7.14
N GLY B 64 4.52 -3.11 -7.18
CA GLY B 64 5.45 -3.67 -6.20
C GLY B 64 5.11 -3.24 -4.78
N LYS B 65 4.91 -1.93 -4.60
CA LYS B 65 4.67 -1.39 -3.27
C LYS B 65 3.29 -1.81 -2.77
N VAL B 66 2.31 -2.01 -3.66
CA VAL B 66 1.01 -2.48 -3.22
C VAL B 66 1.15 -3.93 -2.74
N GLY B 67 1.95 -4.71 -3.47
CA GLY B 67 2.19 -6.11 -3.11
C GLY B 67 2.94 -6.26 -1.78
N MET B 68 3.79 -5.28 -1.46
CA MET B 68 4.51 -5.30 -0.19
C MET B 68 3.54 -5.31 1.00
N LEU B 69 2.30 -4.81 0.81
CA LEU B 69 1.35 -4.73 1.91
C LEU B 69 0.96 -6.13 2.38
N THR B 70 1.17 -7.14 1.54
CA THR B 70 0.67 -8.48 1.82
C THR B 70 1.52 -9.18 2.88
N SER B 71 2.74 -8.68 3.18
CA SER B 71 3.60 -9.31 4.17
C SER B 71 3.57 -8.58 5.50
N ARG B 72 4.22 -9.20 6.50
CA ARG B 72 4.40 -8.61 7.82
CA ARG B 72 4.40 -8.62 7.82
C ARG B 72 5.79 -8.02 7.95
N GLU B 73 6.60 -8.11 6.88
CA GLU B 73 7.96 -7.62 6.91
C GLU B 73 7.99 -6.16 6.46
N ALA B 74 9.11 -5.50 6.76
CA ALA B 74 9.26 -4.06 6.58
C ALA B 74 9.33 -3.70 5.10
N ASP B 75 10.09 -4.46 4.31
CA ASP B 75 10.31 -4.06 2.92
C ASP B 75 10.50 -5.25 1.99
N THR B 76 9.97 -6.41 2.38
CA THR B 76 10.06 -7.60 1.54
C THR B 76 8.82 -8.46 1.69
N ILE B 77 8.65 -9.38 0.75
CA ILE B 77 7.59 -10.36 0.79
C ILE B 77 8.19 -11.72 0.44
N SER B 78 7.41 -12.76 0.73
CA SER B 78 7.46 -14.02 0.01
C SER B 78 6.45 -13.95 -1.13
N LEU B 79 6.72 -14.66 -2.22
CA LEU B 79 5.81 -14.69 -3.35
C LEU B 79 4.44 -15.21 -2.93
N GLU B 80 4.38 -16.14 -1.97
CA GLU B 80 3.11 -16.70 -1.55
C GLU B 80 2.27 -15.65 -0.83
N ASP B 81 2.93 -14.70 -0.14
CA ASP B 81 2.20 -13.63 0.54
C ASP B 81 1.21 -12.95 -0.43
N LEU B 82 1.54 -12.92 -1.73
CA LEU B 82 0.74 -12.15 -2.69
C LEU B 82 -0.64 -12.74 -2.89
N LYS B 83 -0.90 -13.94 -2.36
CA LYS B 83 -2.23 -14.54 -2.45
C LYS B 83 -3.26 -13.82 -1.57
N LEU B 84 -2.81 -12.92 -0.68
CA LEU B 84 -3.73 -12.24 0.22
C LEU B 84 -4.87 -11.60 -0.57
N HIS B 85 -6.07 -12.10 -0.28
CA HIS B 85 -7.25 -11.70 -1.03
C HIS B 85 -7.57 -10.23 -0.77
N GLY B 86 -7.80 -9.47 -1.84
CA GLY B 86 -8.36 -8.15 -1.70
C GLY B 86 -7.28 -7.06 -1.65
N THR B 87 -5.99 -7.44 -1.62
CA THR B 87 -4.95 -6.46 -1.87
C THR B 87 -4.80 -6.34 -3.39
N ILE B 88 -4.08 -7.26 -4.03
CA ILE B 88 -4.04 -7.38 -5.47
C ILE B 88 -4.88 -8.58 -5.89
N GLU B 89 -4.63 -9.74 -5.27
CA GLU B 89 -5.33 -10.96 -5.64
C GLU B 89 -6.85 -10.72 -5.65
N HIS B 90 -7.50 -11.21 -6.71
CA HIS B 90 -8.89 -10.93 -7.01
C HIS B 90 -9.57 -12.21 -7.54
N ASP B 91 -10.90 -12.21 -7.48
CA ASP B 91 -11.72 -13.21 -8.14
C ASP B 91 -11.58 -13.09 -9.66
N ALA B 92 -12.04 -14.15 -10.35
CA ALA B 92 -12.06 -14.19 -11.80
C ALA B 92 -10.64 -14.06 -12.36
N SER B 93 -9.71 -14.80 -11.71
CA SER B 93 -8.37 -15.00 -12.27
C SER B 93 -8.44 -15.86 -13.52
N LEU B 94 -7.38 -15.78 -14.33
CA LEU B 94 -7.24 -16.56 -15.55
C LEU B 94 -6.87 -18.02 -15.26
N SER B 95 -6.24 -18.31 -14.11
CA SER B 95 -5.59 -19.60 -13.93
C SER B 95 -5.67 -20.12 -12.50
N ARG B 96 -6.31 -19.34 -11.62
CA ARG B 96 -6.53 -19.68 -10.22
C ARG B 96 -8.04 -19.63 -9.94
N GLU B 97 -8.45 -20.23 -8.81
CA GLU B 97 -9.85 -20.23 -8.41
C GLU B 97 -10.10 -19.06 -7.47
N ASP B 98 -11.38 -18.68 -7.33
CA ASP B 98 -11.80 -17.68 -6.39
C ASP B 98 -11.62 -18.24 -4.98
N VAL B 99 -11.06 -17.42 -4.09
CA VAL B 99 -10.66 -17.86 -2.77
C VAL B 99 -11.85 -18.39 -1.98
N ALA B 100 -13.06 -17.83 -2.17
CA ALA B 100 -14.23 -18.24 -1.41
C ALA B 100 -14.64 -19.68 -1.74
N ILE B 101 -14.31 -20.18 -2.95
CA ILE B 101 -14.76 -21.49 -3.40
C ILE B 101 -13.59 -22.35 -3.89
N GLY B 102 -12.35 -22.04 -3.52
CA GLY B 102 -11.23 -22.82 -4.00
C GLY B 102 -9.87 -22.18 -3.70
N ASP B 103 -8.86 -22.74 -4.37
CA ASP B 103 -7.45 -22.41 -4.22
C ASP B 103 -7.12 -21.20 -5.12
N ASN B 104 -6.79 -20.06 -4.49
CA ASN B 104 -6.53 -18.82 -5.22
C ASN B 104 -5.03 -18.63 -5.42
N LEU B 105 -4.26 -19.70 -5.19
CA LEU B 105 -2.81 -19.61 -5.15
C LEU B 105 -2.19 -20.32 -6.35
N HIS B 106 -2.61 -21.58 -6.59
CA HIS B 106 -1.89 -22.45 -7.51
C HIS B 106 -2.57 -22.45 -8.88
N PHE B 107 -1.73 -22.70 -9.90
CA PHE B 107 -2.19 -22.93 -11.25
C PHE B 107 -3.22 -24.05 -11.24
N ASN B 108 -4.30 -23.85 -12.01
CA ASN B 108 -5.38 -24.80 -12.13
C ASN B 108 -5.73 -24.98 -13.60
N GLU B 109 -5.51 -26.20 -14.11
CA GLU B 109 -5.63 -26.44 -15.55
C GLU B 109 -7.08 -26.26 -15.99
N ALA B 110 -8.04 -26.68 -15.17
CA ALA B 110 -9.45 -26.58 -15.53
C ALA B 110 -9.86 -25.13 -15.72
N ILE B 111 -9.45 -24.25 -14.78
CA ILE B 111 -9.73 -22.83 -14.88
C ILE B 111 -9.09 -22.28 -16.17
N PHE B 112 -7.83 -22.70 -16.41
CA PHE B 112 -7.01 -22.16 -17.50
C PHE B 112 -7.59 -22.52 -18.87
N THR B 113 -8.44 -23.55 -18.94
CA THR B 113 -9.06 -24.02 -20.19
C THR B 113 -9.74 -22.89 -20.97
N THR B 114 -10.38 -21.94 -20.26
CA THR B 114 -11.08 -20.85 -20.93
C THR B 114 -10.08 -20.04 -21.76
N LEU B 115 -8.96 -19.65 -21.16
CA LEU B 115 -7.90 -18.95 -21.88
C LEU B 115 -7.26 -19.85 -22.96
N ALA B 116 -6.89 -21.08 -22.60
CA ALA B 116 -6.23 -22.00 -23.53
C ALA B 116 -7.08 -22.24 -24.79
N ASN B 117 -8.41 -22.16 -24.67
CA ASN B 117 -9.31 -22.37 -25.80
C ASN B 117 -9.65 -21.09 -26.54
N SER B 118 -9.26 -19.92 -26.02
CA SER B 118 -9.66 -18.66 -26.60
C SER B 118 -9.02 -18.48 -27.97
N ASN B 119 -9.63 -17.58 -28.76
CA ASN B 119 -9.16 -17.21 -30.09
C ASN B 119 -9.02 -18.45 -30.98
N PRO B 120 -10.09 -19.26 -31.15
CA PRO B 120 -10.03 -20.43 -32.04
C PRO B 120 -9.64 -20.03 -33.46
N GLY B 121 -8.74 -20.78 -34.09
CA GLY B 121 -8.39 -20.57 -35.49
C GLY B 121 -7.10 -19.79 -35.68
N ALA B 122 -6.60 -19.14 -34.60
CA ALA B 122 -5.33 -18.43 -34.70
C ALA B 122 -4.31 -19.14 -33.82
N ASP B 123 -3.02 -18.89 -34.09
CA ASP B 123 -1.96 -19.43 -33.27
C ASP B 123 -1.49 -18.38 -32.25
N VAL B 124 -2.28 -17.31 -32.05
CA VAL B 124 -1.95 -16.25 -31.10
C VAL B 124 -3.18 -15.95 -30.23
N TYR B 125 -2.92 -15.42 -29.03
CA TYR B 125 -3.92 -14.71 -28.26
C TYR B 125 -3.77 -13.23 -28.55
N ASN B 126 -4.88 -12.47 -28.49
CA ASN B 126 -4.81 -11.07 -28.84
C ASN B 126 -5.81 -10.30 -27.97
N ILE B 127 -6.00 -9.01 -28.25
CA ILE B 127 -6.82 -8.17 -27.40
C ILE B 127 -8.25 -8.70 -27.34
N SER B 128 -8.85 -9.07 -28.49
CA SER B 128 -10.24 -9.49 -28.53
CA SER B 128 -10.24 -9.48 -28.52
C SER B 128 -10.42 -10.80 -27.77
N SER B 129 -9.44 -11.71 -27.92
CA SER B 129 -9.53 -13.00 -27.25
C SER B 129 -9.39 -12.80 -25.73
N ALA B 130 -8.42 -11.96 -25.33
CA ALA B 130 -8.21 -11.70 -23.91
C ALA B 130 -9.47 -11.11 -23.28
N ALA B 131 -10.18 -10.25 -24.03
CA ALA B 131 -11.37 -9.59 -23.52
C ALA B 131 -12.49 -10.59 -23.32
N GLN B 132 -12.68 -11.48 -24.32
CA GLN B 132 -13.68 -12.52 -24.23
C GLN B 132 -13.40 -13.41 -23.02
N VAL B 133 -12.12 -13.77 -22.82
CA VAL B 133 -11.76 -14.62 -21.69
C VAL B 133 -12.14 -13.93 -20.39
N GLN B 134 -11.82 -12.63 -20.25
CA GLN B 134 -12.13 -11.91 -19.01
C GLN B 134 -13.63 -11.90 -18.79
N HIS B 135 -14.42 -11.68 -19.85
CA HIS B 135 -15.86 -11.67 -19.74
C HIS B 135 -16.35 -13.03 -19.21
N ASP B 136 -15.80 -14.11 -19.76
CA ASP B 136 -16.26 -15.46 -19.43
C ASP B 136 -15.85 -15.83 -18.00
N ARG B 137 -14.61 -15.45 -17.62
CA ARG B 137 -14.13 -15.73 -16.27
C ARG B 137 -15.00 -15.03 -15.23
N LEU B 138 -15.37 -13.76 -15.49
CA LEU B 138 -16.17 -13.01 -14.55
C LEU B 138 -17.57 -13.62 -14.45
N ALA B 139 -18.17 -13.98 -15.59
CA ALA B 139 -19.49 -14.62 -15.57
C ALA B 139 -19.46 -15.88 -14.70
N ASP B 140 -18.36 -16.65 -14.79
CA ASP B 140 -18.18 -17.85 -14.00
C ASP B 140 -18.20 -17.54 -12.51
N SER B 141 -17.40 -16.55 -12.07
CA SER B 141 -17.37 -16.12 -10.67
C SER B 141 -18.73 -15.62 -10.23
N VAL B 142 -19.43 -14.86 -11.08
CA VAL B 142 -20.72 -14.33 -10.69
C VAL B 142 -21.68 -15.51 -10.52
N ALA B 143 -21.55 -16.53 -11.37
CA ALA B 143 -22.47 -17.66 -11.32
C ALA B 143 -22.21 -18.50 -10.07
N ARG B 144 -20.95 -18.79 -9.74
CA ARG B 144 -20.62 -19.84 -8.78
C ARG B 144 -20.07 -19.31 -7.45
N ASN B 145 -19.79 -17.99 -7.34
CA ASN B 145 -19.21 -17.44 -6.12
C ASN B 145 -20.11 -16.32 -5.58
N PRO B 146 -20.97 -16.56 -4.57
CA PRO B 146 -21.85 -15.52 -4.04
C PRO B 146 -21.12 -14.39 -3.30
N ASN B 147 -19.80 -14.52 -3.11
CA ASN B 147 -19.02 -13.48 -2.46
C ASN B 147 -18.10 -12.77 -3.46
N VAL B 148 -18.35 -12.97 -4.76
CA VAL B 148 -17.54 -12.37 -5.80
C VAL B 148 -17.35 -10.87 -5.53
N THR B 149 -16.09 -10.42 -5.67
CA THR B 149 -15.76 -9.02 -5.69
C THR B 149 -15.32 -8.63 -7.11
N ASN B 150 -15.98 -7.58 -7.61
CA ASN B 150 -15.82 -7.13 -8.97
C ASN B 150 -16.03 -5.62 -8.99
N THR B 151 -14.92 -4.88 -9.08
CA THR B 151 -14.90 -3.43 -8.92
C THR B 151 -14.13 -2.82 -10.08
N ASP B 152 -14.20 -1.50 -10.21
CA ASP B 152 -13.35 -0.78 -11.16
C ASP B 152 -11.92 -1.25 -11.00
N LEU B 153 -11.50 -1.36 -9.73
CA LEU B 153 -10.11 -1.66 -9.41
C LEU B 153 -9.78 -3.09 -9.83
N THR B 154 -10.61 -4.08 -9.48
CA THR B 154 -10.29 -5.45 -9.85
C THR B 154 -10.33 -5.62 -11.37
N ALA B 155 -11.30 -4.96 -12.02
CA ALA B 155 -11.39 -5.02 -13.48
C ALA B 155 -10.13 -4.47 -14.15
N THR B 156 -9.57 -3.38 -13.59
CA THR B 156 -8.38 -2.75 -14.18
C THR B 156 -7.16 -3.64 -13.99
N ILE B 157 -7.03 -4.22 -12.78
CA ILE B 157 -5.94 -5.15 -12.49
C ILE B 157 -6.05 -6.34 -13.45
N ARG B 158 -7.26 -6.84 -13.66
CA ARG B 158 -7.45 -8.01 -14.51
C ARG B 158 -7.00 -7.72 -15.94
N SER B 159 -7.41 -6.56 -16.46
CA SER B 159 -7.02 -6.14 -17.80
C SER B 159 -5.51 -5.92 -17.89
N SER B 160 -4.90 -5.41 -16.80
CA SER B 160 -3.46 -5.24 -16.79
C SER B 160 -2.75 -6.57 -16.95
N GLU B 161 -3.23 -7.57 -16.22
CA GLU B 161 -2.62 -8.90 -16.21
C GLU B 161 -2.73 -9.53 -17.60
N SER B 162 -3.87 -9.35 -18.26
CA SER B 162 -4.03 -9.84 -19.63
C SER B 162 -3.06 -9.13 -20.56
N ALA B 163 -2.92 -7.80 -20.39
CA ALA B 163 -1.98 -7.02 -21.20
C ALA B 163 -0.55 -7.51 -20.99
N PHE B 164 -0.24 -7.91 -19.76
CA PHE B 164 1.08 -8.44 -19.46
C PHE B 164 1.38 -9.70 -20.27
N TYR B 165 0.46 -10.66 -20.30
CA TYR B 165 0.79 -11.91 -20.98
C TYR B 165 0.81 -11.68 -22.49
N LEU B 166 0.00 -10.76 -23.00
CA LEU B 166 0.04 -10.41 -24.41
C LEU B 166 1.36 -9.74 -24.82
N THR B 167 1.99 -9.00 -23.90
CA THR B 167 3.14 -8.16 -24.25
C THR B 167 4.45 -8.86 -23.90
N VAL B 168 4.51 -9.48 -22.72
CA VAL B 168 5.76 -10.00 -22.20
C VAL B 168 6.11 -11.29 -22.94
N MET B 169 5.08 -12.03 -23.34
CA MET B 169 5.23 -13.29 -24.04
C MET B 169 5.05 -13.11 -25.55
N SER B 170 5.17 -11.86 -26.03
CA SER B 170 5.02 -11.60 -27.46
C SER B 170 6.24 -12.10 -28.24
N ALA B 171 6.05 -12.30 -29.54
CA ALA B 171 7.11 -12.57 -30.48
C ALA B 171 7.48 -11.29 -31.21
N GLY B 172 6.45 -10.60 -31.69
CA GLY B 172 6.62 -9.31 -32.36
C GLY B 172 6.72 -8.16 -31.37
N ASP B 173 6.51 -6.95 -31.88
CA ASP B 173 6.50 -5.77 -31.04
C ASP B 173 5.35 -5.92 -30.05
N PRO B 174 5.60 -5.77 -28.72
CA PRO B 174 4.54 -5.87 -27.73
C PRO B 174 3.36 -4.91 -27.94
N LEU B 175 3.61 -3.81 -28.65
CA LEU B 175 2.58 -2.83 -29.03
C LEU B 175 1.38 -3.50 -29.70
N ARG B 176 1.64 -4.55 -30.48
CA ARG B 176 0.59 -5.16 -31.29
C ARG B 176 -0.45 -5.89 -30.43
N GLY B 177 -0.11 -6.20 -29.18
CA GLY B 177 -1.04 -6.83 -28.25
C GLY B 177 -1.44 -8.24 -28.70
N GLU B 178 -0.46 -9.05 -29.12
CA GLU B 178 -0.71 -10.45 -29.46
C GLU B 178 0.52 -11.30 -29.14
N ALA B 179 0.29 -12.52 -28.64
CA ALA B 179 1.37 -13.43 -28.26
C ALA B 179 1.04 -14.85 -28.71
N PRO B 180 2.04 -15.58 -29.25
CA PRO B 180 1.88 -16.99 -29.60
C PRO B 180 1.30 -17.82 -28.45
N LYS B 181 0.30 -18.65 -28.75
CA LYS B 181 -0.28 -19.51 -27.74
C LYS B 181 0.78 -20.42 -27.11
N LYS B 182 1.76 -20.87 -27.91
CA LYS B 182 2.78 -21.78 -27.41
C LYS B 182 3.58 -21.08 -26.30
N PHE B 183 3.85 -19.78 -26.45
CA PHE B 183 4.60 -19.04 -25.44
C PHE B 183 3.76 -18.87 -24.17
N VAL B 184 2.53 -18.37 -24.32
CA VAL B 184 1.69 -17.98 -23.20
C VAL B 184 1.35 -19.22 -22.36
N ASN B 185 1.08 -20.34 -23.04
CA ASN B 185 0.69 -21.58 -22.36
C ASN B 185 1.83 -22.10 -21.49
N VAL B 186 3.07 -22.07 -21.99
CA VAL B 186 4.22 -22.49 -21.21
C VAL B 186 4.39 -21.56 -20.00
N PHE B 187 4.23 -20.26 -20.25
CA PHE B 187 4.32 -19.24 -19.21
C PHE B 187 3.37 -19.55 -18.05
N PHE B 188 2.09 -19.82 -18.35
CA PHE B 188 1.12 -20.11 -17.31
C PHE B 188 1.33 -21.52 -16.75
N GLN B 189 1.47 -22.51 -17.64
CA GLN B 189 1.39 -23.90 -17.24
C GLN B 189 2.66 -24.32 -16.51
N GLU B 190 3.82 -23.82 -16.93
CA GLU B 190 5.07 -24.25 -16.34
C GLU B 190 5.78 -23.10 -15.64
N GLU B 191 5.28 -21.88 -15.82
CA GLU B 191 5.89 -20.70 -15.22
C GLU B 191 7.37 -20.72 -15.62
N ARG B 192 7.56 -20.76 -16.94
CA ARG B 192 8.86 -20.88 -17.60
C ARG B 192 8.87 -19.93 -18.79
N MET B 193 10.01 -19.27 -19.00
CA MET B 193 10.25 -18.52 -20.21
C MET B 193 10.44 -19.51 -21.36
N PRO B 194 9.57 -19.52 -22.39
CA PRO B 194 9.67 -20.51 -23.47
C PRO B 194 10.82 -20.27 -24.47
N ILE B 195 12.06 -20.33 -23.98
CA ILE B 195 13.26 -20.01 -24.75
C ILE B 195 13.47 -21.06 -25.85
N LYS B 196 13.44 -22.32 -25.44
CA LYS B 196 13.43 -23.49 -26.33
C LYS B 196 12.46 -23.28 -27.49
N GLU B 197 11.26 -22.76 -27.21
CA GLU B 197 10.20 -22.69 -28.20
C GLU B 197 10.35 -21.46 -29.11
N GLY B 198 11.32 -20.58 -28.79
CA GLY B 198 11.67 -19.48 -29.68
C GLY B 198 11.45 -18.09 -29.09
N TRP B 199 11.02 -18.01 -27.81
CA TRP B 199 10.73 -16.71 -27.20
C TRP B 199 12.02 -15.98 -26.87
N LYS B 200 12.00 -14.65 -27.09
CA LYS B 200 13.08 -13.76 -26.66
C LYS B 200 12.48 -12.56 -25.93
N ARG B 201 13.16 -12.11 -24.87
CA ARG B 201 12.83 -10.86 -24.19
C ARG B 201 12.55 -9.76 -25.22
N SER B 202 11.46 -9.00 -25.00
CA SER B 202 11.17 -7.87 -25.85
C SER B 202 12.35 -6.93 -25.88
N THR B 203 12.65 -6.39 -27.06
CA THR B 203 13.64 -5.31 -27.18
C THR B 203 12.93 -3.96 -27.07
N THR B 204 11.59 -3.96 -27.05
CA THR B 204 10.82 -2.76 -26.78
C THR B 204 10.47 -2.71 -25.30
N PRO B 205 10.74 -1.57 -24.61
CA PRO B 205 10.37 -1.42 -23.20
C PRO B 205 8.86 -1.52 -23.03
N ILE B 206 8.43 -2.34 -22.07
CA ILE B 206 7.03 -2.47 -21.70
C ILE B 206 6.77 -1.65 -20.44
N ASN B 207 6.02 -0.56 -20.62
CA ASN B 207 5.82 0.44 -19.59
C ASN B 207 4.35 0.86 -19.64
N LEU B 208 3.95 1.80 -18.77
CA LEU B 208 2.57 2.20 -18.65
C LEU B 208 2.07 2.82 -19.95
N PRO B 209 2.80 3.77 -20.58
CA PRO B 209 2.36 4.29 -21.87
C PRO B 209 1.99 3.21 -22.89
N LEU B 210 2.78 2.13 -22.97
CA LEU B 210 2.53 1.06 -23.92
C LEU B 210 1.33 0.22 -23.48
N LEU B 211 1.25 -0.12 -22.18
CA LEU B 211 0.21 -1.01 -21.66
C LEU B 211 -1.15 -0.34 -21.60
N GLY B 212 -1.19 0.96 -21.30
CA GLY B 212 -2.42 1.68 -21.00
C GLY B 212 -3.54 1.48 -22.04
N PRO B 213 -3.29 1.77 -23.33
CA PRO B 213 -4.32 1.58 -24.35
C PRO B 213 -4.71 0.12 -24.60
N ILE B 214 -3.80 -0.82 -24.33
CA ILE B 214 -4.13 -2.23 -24.44
C ILE B 214 -5.13 -2.58 -23.34
N ILE B 215 -4.82 -2.14 -22.11
CA ILE B 215 -5.67 -2.35 -20.95
C ILE B 215 -7.08 -1.82 -21.21
N ASP B 216 -7.19 -0.58 -21.70
CA ASP B 216 -8.49 0.08 -21.83
C ASP B 216 -9.32 -0.61 -22.90
N ARG B 217 -8.64 -1.03 -23.97
CA ARG B 217 -9.28 -1.71 -25.08
C ARG B 217 -9.79 -3.10 -24.65
N ILE B 218 -9.00 -3.84 -23.86
CA ILE B 218 -9.45 -5.11 -23.33
C ILE B 218 -10.69 -4.88 -22.48
N THR B 219 -10.62 -3.88 -21.60
CA THR B 219 -11.76 -3.57 -20.75
C THR B 219 -12.99 -3.28 -21.62
N GLU B 220 -12.82 -2.39 -22.61
CA GLU B 220 -13.92 -1.95 -23.45
C GLU B 220 -14.59 -3.14 -24.16
N LEU B 221 -13.79 -4.06 -24.74
CA LEU B 221 -14.30 -5.18 -25.49
C LEU B 221 -14.92 -6.24 -24.56
N SER B 222 -14.62 -6.19 -23.26
CA SER B 222 -15.03 -7.22 -22.31
C SER B 222 -16.48 -7.08 -21.83
N ASP B 223 -17.17 -6.00 -22.19
CA ASP B 223 -18.57 -5.81 -21.83
C ASP B 223 -18.74 -5.94 -20.31
N TRP B 224 -17.89 -5.20 -19.61
CA TRP B 224 -17.78 -5.28 -18.15
C TRP B 224 -18.82 -4.39 -17.49
N LYS B 225 -19.34 -4.84 -16.34
CA LYS B 225 -20.17 -4.02 -15.47
C LYS B 225 -19.75 -4.28 -14.02
N PRO B 226 -19.84 -3.29 -13.10
CA PRO B 226 -19.48 -3.52 -11.70
C PRO B 226 -20.42 -4.50 -11.00
N THR B 227 -20.02 -4.94 -9.81
CA THR B 227 -20.86 -5.71 -8.91
C THR B 227 -21.06 -4.95 -7.59
N GLY B 228 -22.31 -4.91 -7.12
CA GLY B 228 -22.62 -4.35 -5.82
C GLY B 228 -22.09 -2.94 -5.64
N ASP B 229 -21.40 -2.72 -4.51
CA ASP B 229 -20.99 -1.41 -4.04
C ASP B 229 -19.93 -0.77 -4.94
N ASN B 230 -19.17 -1.59 -5.70
CA ASN B 230 -18.09 -1.08 -6.55
C ASN B 230 -17.07 -0.29 -5.72
N CYS B 231 -16.82 -0.75 -4.49
CA CYS B 231 -15.87 -0.10 -3.60
C CYS B 231 -14.45 -0.58 -3.93
N GLY B 232 -13.59 0.31 -4.41
CA GLY B 232 -12.23 -0.06 -4.79
C GLY B 232 -11.26 0.00 -3.61
N ALA B 233 -11.68 -0.46 -2.43
CA ALA B 233 -10.87 -0.45 -1.23
C ALA B 233 -9.96 -1.67 -1.19
N ILE B 234 -8.68 -1.49 -0.91
CA ILE B 234 -7.78 -2.62 -0.82
C ILE B 234 -7.55 -3.01 0.63
N VAL B 235 -7.25 -4.29 0.85
CA VAL B 235 -6.80 -4.78 2.14
C VAL B 235 -5.37 -4.27 2.35
N LEU B 236 -5.12 -3.62 3.50
CA LEU B 236 -3.94 -2.81 3.72
C LEU B 236 -2.79 -3.61 4.34
N GLY B 237 -3.10 -4.80 4.86
CA GLY B 237 -2.10 -5.60 5.56
C GLY B 237 -2.71 -6.94 5.97
N PRO B 238 -1.89 -7.96 6.30
CA PRO B 238 -2.43 -9.27 6.60
C PRO B 238 -3.07 -9.29 8.00
N GLY B 239 -3.97 -10.25 8.22
CA GLY B 239 -4.56 -10.49 9.52
C GLY B 239 -5.34 -9.28 10.04
N LEU B 240 -6.01 -8.57 9.14
CA LEU B 240 -6.93 -7.50 9.52
C LEU B 240 -8.36 -8.05 9.39
C1 NAG C . -10.35 13.18 31.41
C2 NAG C . -11.10 12.06 32.11
C3 NAG C . -12.37 12.56 32.77
C4 NAG C . -12.15 13.82 33.59
C5 NAG C . -11.33 14.86 32.83
C6 NAG C . -10.91 16.01 33.73
C7 NAG C . -10.73 9.82 31.14
C8 NAG C . -11.09 8.90 30.02
N2 NAG C . -11.39 10.99 31.19
O3 NAG C . -12.84 11.50 33.59
O4 NAG C . -13.42 14.39 33.90
O5 NAG C . -10.12 14.26 32.33
O6 NAG C . -9.84 15.60 34.60
O7 NAG C . -9.90 9.51 31.99
C1 NAG D . -16.22 19.84 -4.24
C2 NAG D . -15.87 19.26 -5.60
C3 NAG D . -16.54 20.03 -6.73
C4 NAG D . -18.01 20.35 -6.47
C5 NAG D . -18.26 20.85 -5.04
C6 NAG D . -19.73 20.84 -4.70
C7 NAG D . -13.68 18.21 -5.98
C8 NAG D . -12.25 18.31 -5.53
N2 NAG D . -14.43 19.29 -5.77
O3 NAG D . -16.39 19.21 -7.87
O4 NAG D . -18.42 21.36 -7.38
O5 NAG D . -17.62 20.00 -4.08
O6 NAG D . -20.05 21.72 -3.65
O7 NAG D . -14.13 17.20 -6.52
C1 NAG E . 19.51 6.77 -0.46
C2 NAG E . 20.61 7.34 -1.36
C3 NAG E . 21.43 6.22 -2.00
C4 NAG E . 21.81 5.11 -1.02
C5 NAG E . 20.59 4.65 -0.22
C6 NAG E . 20.90 3.64 0.86
C7 NAG E . 19.73 9.49 -2.18
C8 NAG E . 18.35 9.89 -2.57
N2 NAG E . 20.05 8.21 -2.39
O3 NAG E . 22.59 6.81 -2.56
O4 NAG E . 22.36 4.03 -1.77
O5 NAG E . 19.99 5.78 0.44
O6 NAG E . 20.97 4.26 2.15
O7 NAG E . 20.53 10.28 -1.69
CHA HEM F . -0.65 12.27 11.13
CHB HEM F . 1.82 9.18 8.55
CHC HEM F . 3.95 7.47 12.52
CHD HEM F . 1.56 10.73 15.09
C1A HEM F . -0.12 11.59 10.09
C2A HEM F . -0.48 11.85 8.73
C3A HEM F . 0.25 10.98 7.98
C4A HEM F . 0.99 10.17 8.90
CMA HEM F . 0.30 10.88 6.49
CAA HEM F . -1.40 12.96 8.25
CBA HEM F . -2.85 12.56 8.55
CGA HEM F . -3.74 13.75 8.66
O1A HEM F . -3.81 14.36 9.77
O2A HEM F . -4.42 14.12 7.66
C1B HEM F . 2.56 8.44 9.46
C2B HEM F . 3.33 7.38 9.00
C3B HEM F . 3.95 6.86 10.08
C4B HEM F . 3.51 7.66 11.24
CMB HEM F . 3.53 6.83 7.60
CAB HEM F . 4.76 5.65 9.85
CBB HEM F . 4.71 4.66 10.68
C1C HEM F . 3.56 8.26 13.56
C2C HEM F . 4.06 8.17 14.86
C3C HEM F . 3.36 9.08 15.59
C4C HEM F . 2.44 9.76 14.73
CMC HEM F . 5.16 7.24 15.37
CAC HEM F . 3.72 9.26 17.01
CBC HEM F . 3.32 10.28 17.68
C1D HEM F . 0.73 11.36 14.19
C2D HEM F . -0.24 12.36 14.63
C3D HEM F . -0.85 12.76 13.49
C4D HEM F . -0.22 12.05 12.41
CMD HEM F . -0.59 12.88 16.02
CAD HEM F . -2.00 13.77 13.38
CBD HEM F . -1.65 15.17 12.93
CGD HEM F . -2.96 15.95 12.82
O1D HEM F . -2.82 17.17 12.70
O2D HEM F . -4.13 15.43 12.87
NA HEM F . 0.81 10.59 10.16
NB HEM F . 2.70 8.61 10.79
NC HEM F . 2.59 9.20 13.51
ND HEM F . 0.70 11.18 12.86
FE HEM F . 1.72 10.02 11.82
C1 A1H13 G . -2.10 3.49 9.33
C2 A1H13 G . -3.10 2.51 8.68
C4 A1H13 G . -3.98 2.08 11.10
C5 A1H13 G . -3.28 3.05 11.63
C6 A1H13 G . -2.42 3.92 10.75
O01 A1H13 G . -1.97 4.94 11.20
C01 A1H13 G . -2.41 1.79 7.53
C03 A1H13 G . -4.97 1.30 11.97
C02 A1H13 G . -4.31 3.27 8.15
C3 A1H13 G . -3.54 1.48 9.75
C1 PEG H . -11.15 25.31 13.70
O1 PEG H . -10.58 24.35 14.61
C2 PEG H . -10.19 26.41 13.33
O2 PEG H . -10.56 27.05 12.12
C3 PEG H . -9.50 27.75 11.47
C4 PEG H . -9.66 27.68 9.97
O4 PEG H . -8.47 27.27 9.29
C1 PEG I . 11.95 15.59 -3.22
O1 PEG I . 11.32 14.34 -3.49
C2 PEG I . 10.99 16.66 -2.78
O2 PEG I . 10.06 16.09 -1.85
C3 PEG I . 9.40 17.04 -1.03
C4 PEG I . 10.40 17.94 -0.34
O4 PEG I . 9.86 18.60 0.78
C1 GOL J . -1.37 27.85 23.22
O1 GOL J . -1.23 26.44 23.06
C2 GOL J . -0.71 28.60 22.08
O2 GOL J . -1.34 29.89 21.94
C3 GOL J . 0.79 28.77 22.26
O3 GOL J . 1.43 29.15 21.05
C1 PEG K . 0.59 19.28 37.91
O1 PEG K . 0.81 19.22 39.31
C2 PEG K . 1.64 20.09 37.19
O2 PEG K . 1.18 20.45 35.88
C3 PEG K . 2.23 20.73 34.97
C4 PEG K . 1.96 20.06 33.64
O4 PEG K . 1.93 18.64 33.72
C1 PEG L . -9.87 11.14 -0.45
O1 PEG L . -10.32 12.21 -1.26
C2 PEG L . -10.42 11.23 0.93
O2 PEG L . -9.39 11.07 1.91
C3 PEG L . -9.88 11.13 3.25
C4 PEG L . -10.15 12.54 3.63
O4 PEG L . -10.64 12.65 4.95
C1 GOL M . 14.15 -0.19 25.50
O1 GOL M . 15.33 -0.33 24.72
C2 GOL M . 13.04 -1.09 25.01
O2 GOL M . 13.37 -2.46 25.28
C3 GOL M . 11.68 -0.75 25.58
O3 GOL M . 11.45 -1.32 26.87
C1 GOL N . -0.99 21.96 0.98
O1 GOL N . -2.40 21.91 0.77
C2 GOL N . -0.19 21.75 -0.30
O2 GOL N . 1.12 22.28 -0.13
C3 GOL N . -0.10 20.30 -0.76
O3 GOL N . -1.15 19.47 -0.27
C1 GOL O . -17.30 10.59 2.32
O1 GOL O . -17.67 9.27 2.70
C2 GOL O . -17.69 10.91 0.89
O2 GOL O . -16.80 11.89 0.35
C3 GOL O . -19.13 11.41 0.73
O3 GOL O . -19.96 10.47 0.04
MG MG P . -5.17 16.03 7.05
S SO4 Q . -7.49 29.54 6.16
O1 SO4 Q . -7.04 29.17 7.47
O2 SO4 Q . -6.62 30.56 5.61
O3 SO4 Q . -7.47 28.37 5.30
O4 SO4 Q . -8.84 30.04 6.25
C1 NAG R . -7.78 -11.60 -32.85
C2 NAG R . -8.26 -10.40 -33.66
C3 NAG R . -9.57 -10.72 -34.36
C4 NAG R . -9.49 -12.01 -35.16
C5 NAG R . -8.83 -13.14 -34.36
C6 NAG R . -8.44 -14.32 -35.23
C7 NAG R . -7.42 -8.26 -32.73
C8 NAG R . -7.68 -7.17 -31.74
N2 NAG R . -8.38 -9.17 -32.90
O3 NAG R . -9.89 -9.62 -35.20
O4 NAG R . -10.82 -12.39 -35.49
O5 NAG R . -7.62 -12.70 -33.73
O6 NAG R . -7.20 -14.10 -35.93
O7 NAG R . -6.35 -8.32 -33.34
CHA HEM S . -1.47 -12.02 -11.42
CHB HEM S . 1.76 -11.37 -14.88
CHC HEM S . 4.21 -8.34 -11.98
CHD HEM S . 1.24 -9.51 -8.42
C1A HEM S . -0.86 -12.00 -12.64
C2A HEM S . -1.39 -12.57 -13.80
C3A HEM S . -0.47 -12.40 -14.78
C4A HEM S . 0.64 -11.76 -14.20
CMA HEM S . -0.59 -12.83 -16.21
CAA HEM S . -2.76 -13.21 -13.95
CBA HEM S . -2.81 -14.62 -13.40
CGA HEM S . -4.25 -15.11 -13.38
O1A HEM S . -5.26 -14.36 -13.51
O2A HEM S . -4.44 -16.32 -13.19
C1B HEM S . 2.69 -10.49 -14.36
C2B HEM S . 3.78 -10.05 -15.12
C3B HEM S . 4.50 -9.20 -14.31
C4B HEM S . 3.78 -9.13 -13.04
CMB HEM S . 4.09 -10.45 -16.57
CAB HEM S . 5.70 -8.41 -14.57
CBB HEM S . 6.28 -8.32 -15.76
C1C HEM S . 3.60 -8.36 -10.74
C2C HEM S . 4.04 -7.67 -9.59
C3C HEM S . 3.20 -8.06 -8.57
C4C HEM S . 2.23 -8.93 -9.13
CMC HEM S . 5.24 -6.74 -9.50
CAC HEM S . 3.17 -7.58 -7.18
CBC HEM S . 3.75 -6.42 -6.91
C1D HEM S . 0.28 -10.30 -8.99
C2D HEM S . -0.81 -10.81 -8.18
C3D HEM S . -1.56 -11.50 -9.02
C4D HEM S . -0.93 -11.43 -10.33
CMD HEM S . -1.07 -10.61 -6.70
CAD HEM S . -2.82 -12.19 -8.63
CBD HEM S . -4.04 -11.58 -9.26
CGD HEM S . -5.11 -12.65 -9.32
O1D HEM S . -5.19 -13.43 -10.30
O2D HEM S . -5.95 -12.74 -8.40
NA HEM S . 0.38 -11.51 -12.90
NB HEM S . 2.72 -9.94 -13.13
NC HEM S . 2.51 -9.09 -10.43
ND HEM S . 0.17 -10.69 -10.27
FE HEM S . 1.38 -10.34 -11.61
C1 PEG T . -5.03 -21.37 -1.51
O1 PEG T . -4.12 -22.12 -0.70
C2 PEG T . -6.41 -21.31 -0.93
O2 PEG T . -6.99 -22.61 -0.92
C3 PEG T . -8.31 -22.63 -0.38
C4 PEG T . -8.88 -24.02 -0.49
O4 PEG T . -10.29 -24.03 -0.42
MG MG U . -7.02 -14.79 -8.02
S SO4 V . 21.04 -19.97 -9.30
O1 SO4 V . 21.49 -20.69 -8.13
O2 SO4 V . 21.98 -18.93 -9.62
O3 SO4 V . 20.94 -20.89 -10.41
O4 SO4 V . 19.75 -19.39 -9.03
#